data_3R7A
#
_entry.id   3R7A
#
_cell.length_a   101.435
_cell.length_b   101.435
_cell.length_c   88.936
_cell.angle_alpha   90.000
_cell.angle_beta   90.000
_cell.angle_gamma   90.000
#
_symmetry.space_group_name_H-M   'P 43 21 2'
#
loop_
_entity.id
_entity.type
_entity.pdbx_description
1 polymer 'Phosphoglycerate mutase, putative'
2 non-polymer '4-(2-HYDROXYETHYL)-1-PIPERAZINE ETHANESULFONIC ACID'
3 water water
#
_entity_poly.entity_id   1
_entity_poly.type   'polypeptide(L)'
_entity_poly.pdbx_seq_one_letter_code
;SNA(MSE)KNRETDSNVVTLYVTRHGKTILNTNHRAQGWADSPLVEKGVEVATNLGTGLKDIHF(MSE)NAYSSDSGRAI
ETANLVLKYSEQSKLKLEQRKKLRELNFGIFEGEKLDN(MSE)WDAVGKAAGVTSPEELLKFSIQEVIDLIRAADPTKQA
EDWELFSTRIKAEIDKISEEAAKDGGGNVLVVVHGLLITTLIE(MSE)LDSSKTKLGVENASVTKIVYQDGIYTVESVGD
(MSE)SYVAKGKESVEI
;
_entity_poly.pdbx_strand_id   A,B
#
# COMPACT_ATOMS: atom_id res chain seq x y z
N ARG A 7 1.44 -13.59 -14.79
CA ARG A 7 1.54 -12.30 -15.52
C ARG A 7 0.27 -11.92 -16.31
N GLU A 8 -0.52 -12.94 -16.74
CA GLU A 8 -1.88 -12.75 -17.41
C GLU A 8 -2.94 -12.29 -16.39
N THR A 9 -2.45 -11.69 -15.33
CA THR A 9 -3.24 -11.43 -14.14
C THR A 9 -3.75 -9.99 -14.20
N ASP A 10 -3.17 -9.20 -15.09
CA ASP A 10 -3.35 -7.73 -15.09
C ASP A 10 -4.81 -7.26 -15.03
N SER A 11 -5.69 -7.92 -15.76
CA SER A 11 -7.11 -7.53 -15.81
C SER A 11 -7.95 -8.19 -14.72
N ASN A 12 -7.41 -9.19 -14.03
CA ASN A 12 -8.22 -9.92 -13.05
C ASN A 12 -8.73 -9.01 -11.92
N VAL A 13 -9.98 -9.23 -11.53
CA VAL A 13 -10.54 -8.52 -10.41
C VAL A 13 -10.60 -9.42 -9.16
N VAL A 14 -10.12 -8.90 -8.03
CA VAL A 14 -10.24 -9.57 -6.73
C VAL A 14 -11.12 -8.71 -5.87
N THR A 15 -12.11 -9.31 -5.22
CA THR A 15 -12.95 -8.57 -4.28
C THR A 15 -12.76 -9.14 -2.84
N LEU A 16 -12.22 -8.29 -1.97
CA LEU A 16 -11.96 -8.64 -0.58
C LEU A 16 -13.15 -8.24 0.25
N TYR A 17 -13.76 -9.22 0.94
CA TYR A 17 -14.83 -8.97 1.91
C TYR A 17 -14.17 -8.95 3.28
N VAL A 18 -13.72 -7.75 3.67
CA VAL A 18 -12.89 -7.58 4.84
C VAL A 18 -13.85 -7.41 6.01
N THR A 19 -13.90 -8.43 6.83
CA THR A 19 -15.02 -8.64 7.72
C THR A 19 -14.52 -8.56 9.17
N ARG A 20 -15.18 -7.79 10.03
CA ARG A 20 -14.78 -7.82 11.45
C ARG A 20 -15.44 -9.02 12.08
N HIS A 21 -14.71 -9.76 12.93
CA HIS A 21 -15.27 -10.97 13.56
C HIS A 21 -16.46 -10.59 14.46
N GLY A 22 -17.14 -11.60 15.01
CA GLY A 22 -18.32 -11.37 15.89
C GLY A 22 -17.93 -10.90 17.28
N LYS A 23 -18.94 -10.47 18.04
CA LYS A 23 -18.73 -9.87 19.35
C LYS A 23 -18.32 -10.93 20.40
N THR A 24 -17.17 -10.69 21.03
CA THR A 24 -16.59 -11.63 22.02
C THR A 24 -16.86 -11.21 23.45
N ILE A 25 -16.39 -12.06 24.38
CA ILE A 25 -16.39 -11.78 25.79
C ILE A 25 -15.66 -10.44 26.13
N LEU A 26 -14.40 -10.31 25.68
CA LEU A 26 -13.67 -9.10 25.97
C LEU A 26 -14.32 -7.86 25.31
N ASN A 27 -14.89 -8.01 24.10
CA ASN A 27 -15.59 -6.91 23.45
C ASN A 27 -16.78 -6.50 24.35
N THR A 28 -17.54 -7.49 24.79
CA THR A 28 -18.72 -7.26 25.65
C THR A 28 -18.33 -6.59 26.98
N ASN A 29 -17.16 -6.94 27.52
CA ASN A 29 -16.71 -6.42 28.84
C ASN A 29 -15.84 -5.17 28.68
N HIS A 30 -15.81 -4.62 27.46
CA HIS A 30 -15.14 -3.35 27.14
C HIS A 30 -13.65 -3.35 27.47
N ARG A 31 -12.97 -4.41 27.06
CA ARG A 31 -11.52 -4.54 27.31
C ARG A 31 -10.73 -4.61 26.03
N ALA A 32 -9.47 -4.17 26.10
CA ALA A 32 -8.63 -4.13 24.92
C ALA A 32 -8.37 -5.54 24.49
N GLN A 33 -8.60 -5.80 23.21
CA GLN A 33 -8.50 -7.14 22.69
C GLN A 33 -7.78 -7.04 21.36
N GLY A 34 -6.47 -7.19 21.39
CA GLY A 34 -5.70 -7.07 20.19
C GLY A 34 -5.08 -8.40 19.87
N TRP A 35 -3.90 -8.65 20.42
CA TRP A 35 -3.32 -9.98 20.35
C TRP A 35 -3.93 -10.87 21.41
N ALA A 36 -4.49 -10.25 22.46
CA ALA A 36 -5.39 -11.01 23.33
C ALA A 36 -6.66 -11.42 22.55
N ASP A 37 -7.36 -12.43 23.05
CA ASP A 37 -8.46 -13.02 22.28
C ASP A 37 -9.47 -13.58 23.27
N SER A 38 -10.69 -13.81 22.82
CA SER A 38 -11.68 -14.49 23.65
C SER A 38 -12.81 -14.96 22.70
N PRO A 39 -13.61 -15.95 23.13
CA PRO A 39 -14.62 -16.46 22.18
C PRO A 39 -15.85 -15.57 22.05
N LEU A 40 -16.60 -15.77 20.99
CA LEU A 40 -17.89 -15.10 20.80
C LEU A 40 -18.83 -15.39 21.95
N VAL A 41 -19.55 -14.37 22.35
CA VAL A 41 -20.73 -14.53 23.20
C VAL A 41 -21.93 -14.99 22.35
N GLU A 42 -22.97 -15.53 22.99
N GLU A 42 -22.94 -15.50 23.03
CA GLU A 42 -24.10 -16.06 22.20
CA GLU A 42 -24.17 -15.99 22.39
C GLU A 42 -24.71 -15.01 21.24
C GLU A 42 -24.69 -15.03 21.32
N LYS A 43 -24.80 -13.76 21.67
CA LYS A 43 -25.34 -12.73 20.77
C LYS A 43 -24.43 -12.56 19.57
N GLY A 44 -23.12 -12.66 19.81
CA GLY A 44 -22.14 -12.57 18.74
C GLY A 44 -22.27 -13.72 17.74
N VAL A 45 -22.53 -14.92 18.28
CA VAL A 45 -22.75 -16.09 17.45
C VAL A 45 -23.99 -15.88 16.57
N GLU A 46 -25.06 -15.35 17.16
N GLU A 46 -25.08 -15.37 17.13
CA GLU A 46 -26.31 -15.11 16.44
CA GLU A 46 -26.29 -15.19 16.31
C GLU A 46 -26.11 -14.18 15.22
C GLU A 46 -26.08 -14.18 15.17
N VAL A 47 -25.45 -13.05 15.47
CA VAL A 47 -25.11 -12.05 14.43
C VAL A 47 -24.16 -12.61 13.37
N ALA A 48 -23.14 -13.38 13.78
CA ALA A 48 -22.21 -13.96 12.81
C ALA A 48 -22.94 -14.99 11.92
N THR A 49 -23.93 -15.68 12.51
CA THR A 49 -24.76 -16.63 11.77
C THR A 49 -25.57 -15.91 10.70
N ASN A 50 -26.21 -14.80 11.08
CA ASN A 50 -26.90 -13.97 10.11
C ASN A 50 -25.95 -13.44 9.03
N LEU A 51 -24.74 -13.04 9.42
CA LEU A 51 -23.75 -12.64 8.43
C LEU A 51 -23.52 -13.74 7.38
N GLY A 52 -23.32 -14.97 7.85
CA GLY A 52 -23.14 -16.11 6.94
C GLY A 52 -24.32 -16.26 5.99
N THR A 53 -25.52 -16.26 6.54
CA THR A 53 -26.71 -16.36 5.69
C THR A 53 -26.72 -15.24 4.67
N GLY A 54 -26.38 -14.02 5.11
CA GLY A 54 -26.42 -12.86 4.20
C GLY A 54 -25.32 -12.86 3.15
N LEU A 55 -24.39 -13.79 3.30
CA LEU A 55 -23.32 -13.97 2.31
C LEU A 55 -23.48 -15.25 1.43
N LYS A 56 -24.63 -15.91 1.53
CA LYS A 56 -24.83 -17.17 0.81
C LYS A 56 -24.76 -17.00 -0.71
N ASP A 57 -25.06 -15.81 -1.22
CA ASP A 57 -25.02 -15.59 -2.68
C ASP A 57 -23.73 -14.93 -3.16
N ILE A 58 -22.75 -14.83 -2.25
CA ILE A 58 -21.41 -14.39 -2.61
C ILE A 58 -20.50 -15.60 -2.61
N HIS A 59 -20.02 -16.00 -3.79
CA HIS A 59 -19.24 -17.22 -3.89
C HIS A 59 -17.76 -16.94 -3.63
N PHE A 60 -17.21 -17.51 -2.56
CA PHE A 60 -15.79 -17.23 -2.25
C PHE A 60 -14.86 -18.24 -2.86
N ASN A 62 -11.44 -18.00 -1.90
CA ASN A 62 -10.57 -18.21 -0.75
C ASN A 62 -11.18 -17.63 0.50
N ALA A 63 -10.73 -18.14 1.65
CA ALA A 63 -11.08 -17.58 2.95
C ALA A 63 -9.84 -17.49 3.79
N TYR A 64 -9.70 -16.35 4.46
CA TYR A 64 -8.57 -16.07 5.35
C TYR A 64 -9.11 -15.52 6.66
N SER A 65 -8.36 -15.74 7.74
CA SER A 65 -8.58 -15.04 8.98
C SER A 65 -7.22 -14.82 9.65
N SER A 66 -7.20 -14.04 10.74
CA SER A 66 -6.01 -14.07 11.61
C SER A 66 -6.03 -15.40 12.34
N ASP A 67 -5.00 -15.67 13.14
CA ASP A 67 -5.02 -16.88 13.94
C ASP A 67 -5.75 -16.65 15.27
N SER A 68 -6.37 -15.49 15.48
CA SER A 68 -7.14 -15.24 16.70
C SER A 68 -8.38 -16.14 16.74
N GLY A 69 -8.61 -16.79 17.89
CA GLY A 69 -9.76 -17.70 18.06
C GLY A 69 -11.07 -17.03 17.64
N ARG A 70 -11.23 -15.75 17.98
CA ARG A 70 -12.51 -15.07 17.63
C ARG A 70 -12.70 -14.97 16.10
N ALA A 71 -11.59 -14.82 15.37
CA ALA A 71 -11.64 -14.65 13.91
C ALA A 71 -11.88 -16.01 13.26
N ILE A 72 -11.20 -17.03 13.78
CA ILE A 72 -11.41 -18.42 13.33
C ILE A 72 -12.89 -18.83 13.53
N GLU A 73 -13.40 -18.62 14.75
CA GLU A 73 -14.78 -19.00 15.06
C GLU A 73 -15.77 -18.32 14.13
N THR A 74 -15.57 -17.02 13.91
CA THR A 74 -16.45 -16.25 13.02
C THR A 74 -16.36 -16.73 11.56
N ALA A 75 -15.13 -16.96 11.06
CA ALA A 75 -14.93 -17.50 9.73
C ALA A 75 -15.62 -18.85 9.55
N ASN A 76 -15.54 -19.73 10.57
CA ASN A 76 -16.20 -21.01 10.45
C ASN A 76 -17.72 -20.85 10.39
N LEU A 77 -18.27 -19.93 11.19
CA LEU A 77 -19.73 -19.64 11.15
C LEU A 77 -20.15 -19.08 9.79
N VAL A 78 -19.37 -18.15 9.27
CA VAL A 78 -19.67 -17.54 7.96
C VAL A 78 -19.61 -18.59 6.86
N LEU A 79 -18.56 -19.40 6.86
CA LEU A 79 -18.44 -20.47 5.86
C LEU A 79 -19.58 -21.49 5.93
N LYS A 80 -20.00 -21.85 7.15
CA LYS A 80 -21.12 -22.74 7.35
C LYS A 80 -22.43 -22.14 6.86
N TYR A 81 -22.74 -20.93 7.32
CA TYR A 81 -24.06 -20.39 7.00
C TYR A 81 -24.12 -19.73 5.60
N SER A 82 -22.95 -19.44 5.02
CA SER A 82 -22.92 -18.97 3.61
C SER A 82 -22.87 -20.14 2.64
N GLU A 83 -23.00 -21.36 3.17
CA GLU A 83 -23.09 -22.59 2.38
C GLU A 83 -21.80 -22.95 1.67
N GLN A 84 -20.67 -22.65 2.30
CA GLN A 84 -19.37 -23.09 1.81
C GLN A 84 -18.53 -23.74 2.93
N SER A 85 -19.12 -24.73 3.61
N SER A 85 -19.11 -24.74 3.60
CA SER A 85 -18.51 -25.39 4.78
CA SER A 85 -18.51 -25.36 4.79
C SER A 85 -17.17 -26.05 4.51
C SER A 85 -17.19 -26.10 4.53
N LYS A 86 -16.95 -26.48 3.28
CA LYS A 86 -15.74 -27.21 2.94
C LYS A 86 -14.60 -26.33 2.41
N LEU A 87 -14.84 -25.03 2.20
CA LEU A 87 -13.76 -24.15 1.74
C LEU A 87 -12.70 -24.05 2.84
N LYS A 88 -11.43 -24.26 2.49
CA LYS A 88 -10.35 -24.25 3.48
C LYS A 88 -10.16 -22.84 4.07
N LEU A 89 -10.00 -22.75 5.39
CA LEU A 89 -9.70 -21.46 6.05
C LEU A 89 -8.20 -21.32 6.23
N GLU A 90 -7.60 -20.28 5.67
CA GLU A 90 -6.19 -20.03 5.82
C GLU A 90 -5.95 -18.98 6.89
N GLN A 91 -5.25 -19.35 7.94
CA GLN A 91 -4.96 -18.39 9.02
C GLN A 91 -3.62 -17.73 8.80
N ARG A 92 -3.55 -16.42 9.09
CA ARG A 92 -2.33 -15.66 8.91
C ARG A 92 -2.10 -14.79 10.13
N LYS A 93 -0.98 -15.03 10.81
N LYS A 93 -0.99 -15.01 10.81
CA LYS A 93 -0.61 -14.25 11.99
CA LYS A 93 -0.66 -14.24 11.99
C LYS A 93 -0.43 -12.76 11.68
C LYS A 93 -0.44 -12.76 11.67
N LYS A 94 -0.08 -12.44 10.43
CA LYS A 94 0.12 -11.04 10.06
C LYS A 94 -1.21 -10.31 9.90
N LEU A 95 -2.32 -11.03 9.98
CA LEU A 95 -3.66 -10.39 9.99
C LEU A 95 -4.21 -10.11 11.37
N ARG A 96 -3.38 -10.30 12.40
CA ARG A 96 -3.81 -9.94 13.77
C ARG A 96 -4.14 -8.46 13.92
N GLU A 97 -5.09 -8.18 14.78
CA GLU A 97 -5.34 -6.83 15.30
C GLU A 97 -4.06 -6.19 15.88
N LEU A 98 -4.09 -4.87 16.07
CA LEU A 98 -2.98 -4.17 16.70
C LEU A 98 -2.63 -4.82 18.05
N ASN A 99 -1.33 -4.97 18.29
CA ASN A 99 -0.82 -5.38 19.60
C ASN A 99 -0.90 -4.21 20.54
N PHE A 100 -1.76 -4.32 21.56
CA PHE A 100 -1.93 -3.23 22.54
C PHE A 100 -0.86 -3.24 23.64
N GLY A 101 0.12 -4.14 23.53
CA GLY A 101 1.25 -4.24 24.49
C GLY A 101 0.74 -4.43 25.92
N ILE A 102 1.18 -3.55 26.83
CA ILE A 102 0.84 -3.66 28.24
C ILE A 102 -0.68 -3.55 28.45
N PHE A 103 -1.36 -2.96 27.48
CA PHE A 103 -2.81 -2.76 27.61
C PHE A 103 -3.70 -3.93 27.27
N GLU A 104 -3.10 -5.03 26.77
CA GLU A 104 -3.93 -6.22 26.39
C GLU A 104 -4.79 -6.68 27.57
N GLY A 105 -6.09 -6.79 27.37
CA GLY A 105 -7.00 -7.16 28.44
C GLY A 105 -7.44 -6.05 29.39
N GLU A 106 -6.78 -4.89 29.34
CA GLU A 106 -7.16 -3.77 30.22
C GLU A 106 -8.52 -3.17 29.80
N LYS A 107 -9.29 -2.67 30.76
CA LYS A 107 -10.51 -1.93 30.40
C LYS A 107 -10.12 -0.80 29.44
N LEU A 108 -10.90 -0.63 28.37
CA LEU A 108 -10.61 0.41 27.38
C LEU A 108 -10.60 1.81 28.02
N ASP A 109 -11.50 2.06 28.98
CA ASP A 109 -11.51 3.35 29.69
C ASP A 109 -10.18 3.65 30.37
N ASN A 110 -9.58 2.62 30.98
CA ASN A 110 -8.25 2.75 31.59
C ASN A 110 -7.15 2.95 30.58
N TRP A 112 -7.54 4.29 27.53
CA TRP A 112 -7.65 5.62 26.92
C TRP A 112 -7.26 6.73 27.88
N ASP A 113 -7.49 6.55 29.19
CA ASP A 113 -7.03 7.51 30.21
C ASP A 113 -5.51 7.60 30.19
N ALA A 114 -4.85 6.45 30.06
CA ALA A 114 -3.39 6.41 30.03
C ALA A 114 -2.87 6.98 28.70
N VAL A 115 -3.56 6.74 27.59
CA VAL A 115 -3.16 7.30 26.28
C VAL A 115 -3.40 8.83 26.19
N GLY A 116 -4.55 9.27 26.73
CA GLY A 116 -4.86 10.69 26.81
C GLY A 116 -3.83 11.45 27.61
N LYS A 117 -3.36 10.85 28.71
CA LYS A 117 -2.31 11.46 29.50
C LYS A 117 -1.00 11.63 28.70
N ALA A 118 -0.63 10.60 27.94
CA ALA A 118 0.48 10.64 26.98
C ALA A 118 0.30 11.70 25.88
N ALA A 119 -0.94 11.93 25.45
CA ALA A 119 -1.19 12.97 24.46
C ALA A 119 -1.16 14.33 25.12
N GLY A 120 -1.23 14.33 26.46
CA GLY A 120 -1.39 15.54 27.27
C GLY A 120 -2.73 16.21 27.09
N VAL A 121 -3.74 15.45 26.67
CA VAL A 121 -5.09 15.97 26.48
C VAL A 121 -5.93 15.78 27.73
N THR A 122 -6.83 16.73 27.98
CA THR A 122 -7.65 16.70 29.18
C THR A 122 -8.49 15.43 29.25
N SER A 123 -9.23 15.15 28.18
CA SER A 123 -10.08 13.98 28.10
C SER A 123 -9.72 13.17 26.87
N PRO A 124 -9.86 11.83 26.96
CA PRO A 124 -9.59 10.99 25.79
C PRO A 124 -10.49 11.37 24.59
N GLU A 125 -11.52 12.17 24.90
CA GLU A 125 -12.42 12.82 23.93
C GLU A 125 -11.66 13.52 22.79
N GLU A 126 -10.70 14.38 23.15
CA GLU A 126 -9.92 15.17 22.17
C GLU A 126 -9.10 14.29 21.21
N LEU A 127 -8.88 13.01 21.59
CA LEU A 127 -8.17 12.05 20.75
C LEU A 127 -8.87 11.77 19.43
N LEU A 128 -10.20 11.89 19.41
CA LEU A 128 -11.00 11.68 18.20
C LEU A 128 -10.62 12.64 17.06
N LYS A 129 -10.14 13.82 17.44
CA LYS A 129 -9.60 14.80 16.50
C LYS A 129 -8.35 14.26 15.79
N PHE A 130 -7.57 13.47 16.51
CA PHE A 130 -6.27 12.97 16.04
C PHE A 130 -6.40 12.00 14.87
N SER A 131 -5.41 11.98 13.99
CA SER A 131 -5.37 10.96 12.92
C SER A 131 -5.16 9.57 13.52
N ILE A 132 -5.63 8.53 12.83
CA ILE A 132 -5.40 7.16 13.32
C ILE A 132 -3.90 6.89 13.49
N GLN A 133 -3.10 7.49 12.61
N GLN A 133 -3.08 7.46 12.62
CA GLN A 133 -1.66 7.37 12.67
CA GLN A 133 -1.64 7.29 12.69
C GLN A 133 -1.17 7.85 14.02
C GLN A 133 -1.14 7.84 14.01
N GLU A 134 -1.56 9.06 14.40
N GLU A 134 -1.59 9.05 14.36
CA GLU A 134 -1.06 9.60 15.64
CA GLU A 134 -1.17 9.65 15.60
C GLU A 134 -1.67 8.92 16.88
C GLU A 134 -1.64 8.84 16.81
N VAL A 135 -2.91 8.45 16.80
CA VAL A 135 -3.53 7.68 17.91
C VAL A 135 -2.81 6.33 18.14
N ILE A 136 -2.54 5.59 17.08
CA ILE A 136 -1.85 4.32 17.26
C ILE A 136 -0.43 4.58 17.79
N ASP A 137 0.24 5.61 17.26
CA ASP A 137 1.55 6.00 17.84
C ASP A 137 1.46 6.30 19.34
N LEU A 138 0.37 6.92 19.78
CA LEU A 138 0.23 7.33 21.18
C LEU A 138 0.04 6.13 22.10
N ILE A 139 -0.52 5.04 21.56
CA ILE A 139 -0.68 3.80 22.35
C ILE A 139 0.69 3.26 22.73
N ARG A 140 1.57 3.13 21.77
CA ARG A 140 2.93 2.71 22.09
C ARG A 140 3.67 3.72 22.98
N ALA A 141 3.48 5.02 22.72
CA ALA A 141 4.05 6.06 23.59
C ALA A 141 3.65 5.92 25.06
N ALA A 142 2.39 5.57 25.31
CA ALA A 142 1.88 5.37 26.65
C ALA A 142 2.29 4.06 27.30
N ASP A 143 2.69 3.08 26.51
CA ASP A 143 3.04 1.77 27.03
C ASP A 143 4.51 1.81 27.49
N PRO A 144 4.80 1.77 28.82
CA PRO A 144 6.22 1.82 29.20
C PRO A 144 7.07 0.64 28.71
N THR A 145 6.43 -0.51 28.46
CA THR A 145 7.14 -1.69 27.96
C THR A 145 7.46 -1.61 26.45
N LYS A 146 6.80 -0.70 25.72
CA LYS A 146 7.00 -0.55 24.28
C LYS A 146 6.74 -1.89 23.54
N GLN A 147 5.83 -2.69 24.09
CA GLN A 147 5.41 -3.92 23.42
C GLN A 147 4.29 -3.65 22.43
N ALA A 148 3.50 -2.61 22.68
CA ALA A 148 2.45 -2.22 21.70
C ALA A 148 3.07 -1.83 20.36
N GLU A 149 2.42 -2.20 19.27
CA GLU A 149 2.83 -1.70 17.96
C GLU A 149 2.54 -0.22 17.79
N ASP A 150 3.37 0.46 17.00
CA ASP A 150 3.05 1.81 16.53
C ASP A 150 2.49 1.77 15.11
N TRP A 151 2.20 2.92 14.55
CA TRP A 151 1.64 3.00 13.20
C TRP A 151 2.51 2.30 12.15
N GLU A 152 3.81 2.56 12.17
N GLU A 152 3.82 2.58 12.19
CA GLU A 152 4.69 2.03 11.14
CA GLU A 152 4.76 2.04 11.21
C GLU A 152 4.76 0.50 11.21
C GLU A 152 4.73 0.52 11.22
N LEU A 153 4.83 -0.07 12.41
CA LEU A 153 4.83 -1.53 12.57
C LEU A 153 3.55 -2.16 12.06
N PHE A 154 2.43 -1.66 12.55
CA PHE A 154 1.11 -2.23 12.26
C PHE A 154 0.72 -2.05 10.77
N SER A 155 0.74 -0.80 10.31
CA SER A 155 0.36 -0.49 8.95
C SER A 155 1.20 -1.28 7.94
N THR A 156 2.53 -1.40 8.16
CA THR A 156 3.40 -2.17 7.29
C THR A 156 2.99 -3.65 7.23
N ARG A 157 2.76 -4.27 8.39
CA ARG A 157 2.48 -5.70 8.29
C ARG A 157 1.07 -5.96 7.70
N ILE A 158 0.08 -5.15 8.06
CA ILE A 158 -1.31 -5.26 7.49
C ILE A 158 -1.31 -5.14 5.99
N LYS A 159 -0.63 -4.11 5.48
CA LYS A 159 -0.65 -3.86 4.06
C LYS A 159 0.12 -4.94 3.29
N ALA A 160 1.25 -5.40 3.82
CA ALA A 160 2.00 -6.45 3.15
C ALA A 160 1.14 -7.72 3.00
N GLU A 161 0.40 -8.07 4.05
CA GLU A 161 -0.41 -9.28 3.99
C GLU A 161 -1.62 -9.16 3.08
N ILE A 162 -2.27 -8.01 3.08
CA ILE A 162 -3.37 -7.76 2.16
C ILE A 162 -2.88 -7.75 0.72
N ASP A 163 -1.71 -7.14 0.46
CA ASP A 163 -1.11 -7.20 -0.88
C ASP A 163 -0.84 -8.64 -1.31
N LYS A 164 -0.30 -9.44 -0.40
CA LYS A 164 0.00 -10.85 -0.68
C LYS A 164 -1.29 -11.61 -1.07
N ILE A 165 -2.35 -11.44 -0.26
CA ILE A 165 -3.62 -12.13 -0.52
C ILE A 165 -4.21 -11.67 -1.87
N SER A 166 -4.14 -10.36 -2.13
CA SER A 166 -4.67 -9.79 -3.39
C SER A 166 -3.89 -10.31 -4.59
N GLU A 167 -2.58 -10.27 -4.50
CA GLU A 167 -1.76 -10.74 -5.63
C GLU A 167 -1.97 -12.23 -5.93
N GLU A 168 -2.06 -13.04 -4.87
N GLU A 168 -2.07 -13.04 -4.88
CA GLU A 168 -2.29 -14.48 -5.04
CA GLU A 168 -2.25 -14.47 -5.06
C GLU A 168 -3.65 -14.77 -5.66
C GLU A 168 -3.66 -14.83 -5.59
N ALA A 169 -4.67 -14.06 -5.19
CA ALA A 169 -6.03 -14.24 -5.71
C ALA A 169 -6.09 -13.84 -7.18
N ALA A 170 -5.38 -12.77 -7.55
CA ALA A 170 -5.31 -12.35 -8.94
C ALA A 170 -4.56 -13.40 -9.80
N LYS A 171 -3.50 -14.00 -9.26
CA LYS A 171 -2.81 -15.09 -9.96
C LYS A 171 -3.72 -16.32 -10.18
N ASP A 172 -4.74 -16.49 -9.33
CA ASP A 172 -5.65 -17.62 -9.43
C ASP A 172 -6.88 -17.27 -10.27
N GLY A 173 -6.83 -16.15 -11.00
CA GLY A 173 -7.96 -15.76 -11.88
C GLY A 173 -8.84 -14.62 -11.38
N GLY A 174 -8.55 -14.07 -10.19
CA GLY A 174 -9.47 -13.12 -9.54
C GLY A 174 -10.62 -13.86 -8.86
N GLY A 175 -11.51 -13.11 -8.21
CA GLY A 175 -12.60 -13.71 -7.48
C GLY A 175 -12.81 -13.12 -6.11
N ASN A 176 -13.81 -13.65 -5.37
CA ASN A 176 -14.11 -13.14 -4.05
C ASN A 176 -13.29 -13.84 -2.96
N VAL A 177 -12.78 -13.05 -2.01
CA VAL A 177 -11.99 -13.58 -0.92
C VAL A 177 -12.57 -13.09 0.42
N LEU A 178 -12.90 -14.03 1.29
CA LEU A 178 -13.38 -13.67 2.61
C LEU A 178 -12.16 -13.41 3.51
N VAL A 179 -12.16 -12.31 4.24
CA VAL A 179 -11.01 -11.99 5.11
C VAL A 179 -11.55 -11.57 6.46
N VAL A 180 -11.50 -12.48 7.45
CA VAL A 180 -12.10 -12.22 8.76
C VAL A 180 -11.01 -11.71 9.73
N VAL A 181 -11.12 -10.43 10.07
CA VAL A 181 -10.11 -9.71 10.80
C VAL A 181 -10.76 -8.82 11.88
N HIS A 182 -10.26 -7.60 12.07
CA HIS A 182 -10.35 -6.89 13.36
C HIS A 182 -10.54 -5.40 13.13
N GLY A 183 -11.12 -4.69 14.11
CA GLY A 183 -11.52 -3.29 13.96
C GLY A 183 -10.46 -2.27 13.57
N LEU A 184 -9.38 -2.21 14.36
CA LEU A 184 -8.32 -1.24 14.06
C LEU A 184 -7.59 -1.56 12.78
N LEU A 185 -7.43 -2.85 12.50
CA LEU A 185 -6.82 -3.30 11.24
C LEU A 185 -7.66 -2.75 10.09
N ILE A 186 -8.98 -2.85 10.20
CA ILE A 186 -9.83 -2.39 9.11
C ILE A 186 -9.72 -0.89 8.98
N THR A 187 -9.77 -0.17 10.09
CA THR A 187 -9.67 1.30 10.07
C THR A 187 -8.33 1.69 9.47
N THR A 188 -7.28 0.99 9.87
CA THR A 188 -5.94 1.26 9.36
C THR A 188 -5.80 0.99 7.85
N LEU A 189 -6.31 -0.14 7.40
CA LEU A 189 -6.26 -0.46 5.98
C LEU A 189 -7.01 0.59 5.12
N ILE A 190 -8.21 0.97 5.53
CA ILE A 190 -8.92 2.02 4.80
C ILE A 190 -8.12 3.34 4.76
N GLU A 191 -7.51 3.71 5.89
CA GLU A 191 -6.71 4.93 5.95
C GLU A 191 -5.61 4.88 4.91
N LEU A 193 -5.55 2.98 2.11
CA LEU A 193 -6.05 2.79 0.73
C LEU A 193 -6.84 3.98 0.24
N ASP A 194 -7.64 4.58 1.13
CA ASP A 194 -8.50 5.69 0.73
C ASP A 194 -9.03 6.38 1.97
N SER A 195 -8.23 7.30 2.48
CA SER A 195 -8.55 7.93 3.75
C SER A 195 -9.80 8.80 3.69
N SER A 196 -10.36 9.04 2.50
CA SER A 196 -11.64 9.78 2.38
C SER A 196 -12.80 8.95 2.95
N LYS A 197 -12.57 7.65 3.11
CA LYS A 197 -13.60 6.73 3.59
C LYS A 197 -13.34 6.12 4.96
N THR A 198 -12.27 6.53 5.63
CA THR A 198 -11.86 5.92 6.91
C THR A 198 -12.99 6.04 7.93
N LYS A 199 -13.21 4.96 8.69
CA LYS A 199 -14.17 4.97 9.76
C LYS A 199 -13.58 4.19 10.95
N LEU A 200 -13.59 4.82 12.14
CA LEU A 200 -13.16 4.13 13.35
C LEU A 200 -14.42 3.53 13.96
N GLY A 201 -14.32 2.32 14.49
CA GLY A 201 -15.44 1.71 15.15
C GLY A 201 -16.36 0.89 14.27
N VAL A 202 -15.83 0.28 13.21
CA VAL A 202 -16.67 -0.61 12.41
C VAL A 202 -17.16 -1.71 13.33
N GLU A 203 -18.41 -2.10 13.12
CA GLU A 203 -19.13 -3.01 14.02
C GLU A 203 -18.73 -4.44 13.81
N ASN A 204 -18.96 -5.24 14.86
CA ASN A 204 -18.80 -6.69 14.74
C ASN A 204 -19.67 -7.20 13.58
N ALA A 205 -19.07 -8.07 12.75
CA ALA A 205 -19.72 -8.76 11.65
C ALA A 205 -20.03 -7.80 10.48
N SER A 206 -19.44 -6.60 10.50
CA SER A 206 -19.56 -5.72 9.36
C SER A 206 -18.59 -6.11 8.26
N VAL A 207 -18.91 -5.67 7.04
CA VAL A 207 -18.12 -6.00 5.87
C VAL A 207 -17.62 -4.75 5.18
N THR A 208 -16.32 -4.73 4.87
CA THR A 208 -15.68 -3.61 4.20
C THR A 208 -15.18 -4.20 2.87
N LYS A 209 -15.87 -3.86 1.78
CA LYS A 209 -15.64 -4.49 0.50
C LYS A 209 -14.61 -3.69 -0.28
N ILE A 210 -13.51 -4.35 -0.64
CA ILE A 210 -12.41 -3.67 -1.33
C ILE A 210 -12.14 -4.41 -2.63
N VAL A 211 -12.11 -3.66 -3.75
CA VAL A 211 -11.82 -4.27 -5.05
C VAL A 211 -10.36 -3.99 -5.40
N TYR A 212 -9.67 -5.01 -5.89
CA TYR A 212 -8.28 -4.90 -6.35
C TYR A 212 -8.16 -5.32 -7.83
N GLN A 213 -7.48 -4.50 -8.63
CA GLN A 213 -7.31 -4.85 -10.04
C GLN A 213 -6.06 -4.18 -10.55
N ASP A 214 -5.12 -4.99 -11.07
CA ASP A 214 -3.91 -4.44 -11.74
C ASP A 214 -3.13 -3.54 -10.75
N GLY A 215 -3.11 -3.93 -9.47
CA GLY A 215 -2.40 -3.14 -8.45
C GLY A 215 -3.14 -1.93 -7.89
N ILE A 216 -4.42 -1.73 -8.25
CA ILE A 216 -5.16 -0.55 -7.83
C ILE A 216 -6.30 -1.01 -6.93
N TYR A 217 -6.36 -0.48 -5.68
CA TYR A 217 -7.46 -0.75 -4.77
C TYR A 217 -8.55 0.28 -4.84
N THR A 218 -9.80 -0.16 -4.71
CA THR A 218 -10.96 0.73 -4.65
C THR A 218 -11.72 0.29 -3.43
N VAL A 219 -11.96 1.21 -2.50
CA VAL A 219 -12.76 0.91 -1.31
C VAL A 219 -14.20 1.12 -1.67
N GLU A 220 -14.95 0.02 -1.76
N GLU A 220 -14.97 0.04 -1.75
CA GLU A 220 -16.35 0.10 -2.20
CA GLU A 220 -16.36 0.16 -2.20
C GLU A 220 -17.32 0.37 -1.06
C GLU A 220 -17.37 0.33 -1.07
N SER A 221 -17.09 -0.29 0.08
CA SER A 221 -17.93 -0.10 1.26
C SER A 221 -17.06 -0.23 2.47
N VAL A 222 -17.50 0.41 3.56
CA VAL A 222 -16.81 0.44 4.85
C VAL A 222 -17.81 0.11 5.96
N GLY A 223 -17.56 -0.98 6.71
CA GLY A 223 -18.40 -1.30 7.90
C GLY A 223 -19.86 -1.55 7.56
N ASP A 224 -20.10 -2.15 6.39
CA ASP A 224 -21.46 -2.42 5.89
C ASP A 224 -22.17 -3.49 6.75
N SER A 226 -25.32 -4.50 5.99
CA SER A 226 -26.42 -4.99 5.15
C SER A 226 -26.45 -6.53 5.05
N TYR A 227 -25.29 -7.17 5.16
CA TYR A 227 -25.23 -8.64 5.04
C TYR A 227 -25.87 -9.29 6.25
N VAL A 228 -25.53 -8.80 7.45
CA VAL A 228 -26.22 -9.23 8.66
C VAL A 228 -27.72 -9.02 8.56
N ALA A 229 -28.13 -7.84 8.09
CA ALA A 229 -29.57 -7.54 7.98
C ALA A 229 -30.29 -8.45 6.98
N LYS A 230 -29.64 -8.73 5.85
N LYS A 230 -29.63 -8.75 5.86
CA LYS A 230 -30.18 -9.69 4.89
CA LYS A 230 -30.16 -9.69 4.88
C LYS A 230 -30.38 -11.04 5.57
C LYS A 230 -30.34 -11.09 5.49
N GLY A 231 -29.33 -11.53 6.25
CA GLY A 231 -29.39 -12.81 6.97
C GLY A 231 -30.51 -12.84 8.01
N LYS A 232 -30.68 -11.74 8.72
CA LYS A 232 -31.62 -11.60 9.83
C LYS A 232 -33.09 -11.67 9.37
N GLU A 233 -33.38 -11.22 8.15
CA GLU A 233 -34.75 -11.23 7.61
C GLU A 233 -35.30 -12.64 7.36
N GLU B 8 18.51 31.84 6.81
CA GLU B 8 19.16 30.90 5.85
C GLU B 8 18.17 29.88 5.28
N THR B 9 18.33 29.61 3.99
CA THR B 9 17.44 28.72 3.23
C THR B 9 17.69 27.21 3.48
N ASP B 10 18.78 26.89 4.17
CA ASP B 10 19.07 25.52 4.62
C ASP B 10 17.88 24.90 5.40
N SER B 11 17.05 25.77 5.97
CA SER B 11 16.00 25.39 6.92
C SER B 11 14.69 24.89 6.27
N ASN B 12 14.44 25.30 5.03
CA ASN B 12 13.16 25.06 4.37
C ASN B 12 12.84 23.57 4.12
N VAL B 13 11.57 23.21 4.31
CA VAL B 13 11.12 21.83 4.17
C VAL B 13 10.71 21.59 2.71
N VAL B 14 11.25 20.53 2.12
CA VAL B 14 10.90 20.15 0.75
C VAL B 14 10.22 18.78 0.77
N THR B 15 9.04 18.70 0.16
CA THR B 15 8.31 17.45 0.10
C THR B 15 8.29 16.99 -1.35
N LEU B 16 9.03 15.92 -1.63
CA LEU B 16 9.09 15.29 -2.95
C LEU B 16 7.98 14.25 -3.14
N TYR B 17 7.21 14.44 -4.20
CA TYR B 17 6.15 13.52 -4.57
C TYR B 17 6.70 12.67 -5.73
N VAL B 18 7.41 11.59 -5.38
CA VAL B 18 8.20 10.83 -6.35
C VAL B 18 7.29 9.79 -6.92
N THR B 19 6.97 9.99 -8.20
CA THR B 19 5.78 9.43 -8.79
C THR B 19 6.18 8.55 -9.96
N ARG B 20 5.67 7.33 -10.00
CA ARG B 20 5.97 6.49 -11.15
C ARG B 20 4.97 6.89 -12.21
N HIS B 21 5.43 6.98 -13.46
CA HIS B 21 4.53 7.28 -14.57
C HIS B 21 3.43 6.22 -14.73
N GLY B 22 2.44 6.56 -15.54
CA GLY B 22 1.31 5.63 -15.86
C GLY B 22 1.72 4.41 -16.68
N LYS B 23 0.84 3.40 -16.72
CA LYS B 23 1.10 2.14 -17.44
C LYS B 23 1.25 2.35 -18.97
N THR B 24 2.35 1.89 -19.56
CA THR B 24 2.62 2.09 -20.98
C THR B 24 2.36 0.83 -21.80
N ILE B 25 2.50 0.95 -23.11
CA ILE B 25 2.50 -0.21 -24.02
C ILE B 25 3.54 -1.26 -23.60
N LEU B 26 4.81 -0.86 -23.44
CA LEU B 26 5.81 -1.86 -23.10
C LEU B 26 5.56 -2.46 -21.69
N ASN B 27 4.97 -1.69 -20.75
CA ASN B 27 4.63 -2.26 -19.45
C ASN B 27 3.56 -3.34 -19.64
N THR B 28 2.55 -3.01 -20.47
CA THR B 28 1.44 -3.93 -20.75
C THR B 28 1.94 -5.20 -21.41
N ASN B 29 2.99 -5.06 -22.24
CA ASN B 29 3.51 -6.19 -23.00
C ASN B 29 4.70 -6.90 -22.29
N HIS B 30 4.97 -6.51 -21.05
CA HIS B 30 5.97 -7.14 -20.18
C HIS B 30 7.33 -7.16 -20.81
N ARG B 31 7.72 -6.01 -21.32
CA ARG B 31 9.06 -5.83 -21.91
C ARG B 31 9.86 -4.82 -21.15
N ALA B 32 11.18 -4.95 -21.23
CA ALA B 32 12.08 -4.09 -20.52
C ALA B 32 12.05 -2.70 -21.12
N GLN B 33 11.76 -1.72 -20.27
CA GLN B 33 11.54 -0.34 -20.68
C GLN B 33 12.36 0.54 -19.76
N GLY B 34 13.62 0.78 -20.11
CA GLY B 34 14.43 1.64 -19.25
C GLY B 34 14.69 2.96 -19.97
N TRP B 35 15.75 2.99 -20.77
CA TRP B 35 15.94 4.10 -21.70
C TRP B 35 15.05 3.97 -22.92
N ALA B 36 14.62 2.75 -23.24
CA ALA B 36 13.51 2.60 -24.20
C ALA B 36 12.24 3.19 -23.55
N ASP B 37 11.23 3.47 -24.36
CA ASP B 37 10.04 4.21 -23.93
C ASP B 37 8.80 3.83 -24.76
N SER B 38 7.59 4.15 -24.28
CA SER B 38 6.39 3.97 -25.10
C SER B 38 5.31 4.77 -24.42
N PRO B 39 4.24 5.10 -25.16
CA PRO B 39 3.26 5.93 -24.52
C PRO B 39 2.32 5.16 -23.55
N LEU B 40 1.55 5.93 -22.78
CA LEU B 40 0.53 5.37 -21.90
C LEU B 40 -0.51 4.65 -22.72
N VAL B 41 -0.97 3.50 -22.21
CA VAL B 41 -2.14 2.85 -22.80
C VAL B 41 -3.36 3.59 -22.27
N GLU B 42 -4.52 3.41 -22.90
CA GLU B 42 -5.68 4.17 -22.48
C GLU B 42 -5.97 4.05 -20.98
N LYS B 43 -5.83 2.86 -20.41
CA LYS B 43 -6.04 2.72 -18.97
C LYS B 43 -4.98 3.49 -18.16
N GLY B 44 -3.75 3.57 -18.67
CA GLY B 44 -2.70 4.38 -18.03
C GLY B 44 -3.11 5.87 -18.04
N VAL B 45 -3.66 6.33 -19.15
CA VAL B 45 -4.14 7.70 -19.24
C VAL B 45 -5.27 7.95 -18.18
N GLU B 46 -6.18 6.99 -18.09
N GLU B 46 -6.21 7.02 -18.06
CA GLU B 46 -7.30 7.04 -17.13
CA GLU B 46 -7.29 7.25 -17.09
C GLU B 46 -6.78 7.21 -15.69
C GLU B 46 -6.76 7.26 -15.64
N VAL B 47 -5.81 6.37 -15.33
CA VAL B 47 -5.26 6.33 -13.97
C VAL B 47 -4.45 7.61 -13.66
N ALA B 48 -3.64 8.04 -14.64
CA ALA B 48 -2.86 9.25 -14.51
C ALA B 48 -3.77 10.47 -14.36
N THR B 49 -4.92 10.43 -14.99
CA THR B 49 -5.91 11.50 -14.86
C THR B 49 -6.45 11.52 -13.41
N ASN B 50 -6.82 10.35 -12.91
CA ASN B 50 -7.27 10.22 -11.51
C ASN B 50 -6.19 10.70 -10.55
N LEU B 51 -4.92 10.33 -10.82
CA LEU B 51 -3.82 10.82 -10.00
C LEU B 51 -3.80 12.34 -9.97
N GLY B 52 -3.87 12.96 -11.15
CA GLY B 52 -3.86 14.43 -11.24
C GLY B 52 -5.00 15.01 -10.40
N THR B 53 -6.21 14.48 -10.59
CA THR B 53 -7.35 14.97 -9.80
C THR B 53 -7.05 14.79 -8.30
N GLY B 54 -6.42 13.68 -7.95
CA GLY B 54 -6.13 13.38 -6.54
C GLY B 54 -5.03 14.26 -5.96
N LEU B 55 -4.33 15.01 -6.80
CA LEU B 55 -3.29 15.94 -6.36
C LEU B 55 -3.73 17.41 -6.47
N LYS B 56 -5.03 17.67 -6.66
CA LYS B 56 -5.42 19.09 -6.85
C LYS B 56 -5.13 19.99 -5.66
N ASP B 57 -5.15 19.43 -4.45
CA ASP B 57 -4.95 20.25 -3.25
C ASP B 57 -3.52 20.21 -2.78
N ILE B 58 -2.66 19.55 -3.55
CA ILE B 58 -1.22 19.54 -3.28
C ILE B 58 -0.56 20.47 -4.30
N HIS B 59 -0.27 21.69 -3.86
CA HIS B 59 0.23 22.70 -4.80
C HIS B 59 1.76 22.58 -4.92
N PHE B 60 2.24 22.46 -6.14
CA PHE B 60 3.66 22.18 -6.41
C PHE B 60 4.37 23.46 -6.75
N ASN B 62 7.55 23.20 -8.09
CA ASN B 62 8.29 22.75 -9.27
C ASN B 62 7.77 21.39 -9.68
N ALA B 63 7.88 21.09 -10.98
CA ALA B 63 7.54 19.77 -11.48
C ALA B 63 8.70 19.35 -12.33
N TYR B 64 9.16 18.11 -12.10
CA TYR B 64 10.29 17.50 -12.85
C TYR B 64 9.89 16.13 -13.39
N SER B 65 10.52 15.73 -14.48
CA SER B 65 10.35 14.36 -14.99
C SER B 65 11.66 13.96 -15.66
N SER B 66 11.80 12.70 -16.04
CA SER B 66 12.92 12.35 -16.96
C SER B 66 12.49 12.90 -18.33
N ASP B 67 13.37 12.81 -19.32
CA ASP B 67 12.99 13.13 -20.71
C ASP B 67 12.34 11.95 -21.45
N SER B 68 11.90 10.91 -20.73
CA SER B 68 11.20 9.78 -21.37
C SER B 68 9.76 10.19 -21.65
N GLY B 69 9.27 9.87 -22.86
CA GLY B 69 7.91 10.28 -23.25
C GLY B 69 6.82 9.86 -22.26
N ARG B 70 6.94 8.64 -21.72
CA ARG B 70 5.99 8.15 -20.73
C ARG B 70 5.89 9.05 -19.49
N ALA B 71 7.03 9.56 -19.05
CA ALA B 71 7.09 10.39 -17.83
C ALA B 71 6.60 11.80 -18.15
N ILE B 72 7.01 12.30 -19.32
CA ILE B 72 6.48 13.62 -19.80
C ILE B 72 4.96 13.59 -19.90
N GLU B 73 4.44 12.55 -20.55
CA GLU B 73 3.00 12.44 -20.75
C GLU B 73 2.26 12.38 -19.40
N THR B 74 2.79 11.59 -18.48
CA THR B 74 2.14 11.43 -17.17
C THR B 74 2.18 12.79 -16.43
N ALA B 75 3.36 13.41 -16.41
CA ALA B 75 3.49 14.72 -15.78
C ALA B 75 2.49 15.74 -16.34
N ASN B 76 2.29 15.73 -17.65
CA ASN B 76 1.35 16.67 -18.26
C ASN B 76 -0.08 16.39 -17.81
N LEU B 77 -0.46 15.11 -17.72
CA LEU B 77 -1.81 14.76 -17.25
C LEU B 77 -2.01 15.22 -15.77
N VAL B 78 -0.97 15.01 -14.98
CA VAL B 78 -1.05 15.30 -13.55
C VAL B 78 -1.21 16.83 -13.40
N LEU B 79 -0.41 17.60 -14.11
CA LEU B 79 -0.52 19.06 -14.06
C LEU B 79 -1.89 19.56 -14.58
N LYS B 80 -2.39 18.94 -15.64
CA LYS B 80 -3.69 19.35 -16.17
C LYS B 80 -4.80 19.07 -15.15
N TYR B 81 -4.88 17.81 -14.67
CA TYR B 81 -6.01 17.43 -13.82
C TYR B 81 -5.88 17.87 -12.36
N SER B 82 -4.67 18.21 -11.94
CA SER B 82 -4.47 18.85 -10.63
C SER B 82 -4.69 20.38 -10.65
N GLU B 83 -5.07 20.88 -11.82
CA GLU B 83 -5.31 22.31 -12.06
C GLU B 83 -4.07 23.14 -11.77
N GLN B 84 -2.95 22.68 -12.30
CA GLN B 84 -1.64 23.37 -12.17
C GLN B 84 -0.97 23.43 -13.55
N SER B 85 -1.82 23.65 -14.56
CA SER B 85 -1.45 23.69 -15.99
C SER B 85 -0.31 24.63 -16.32
N LYS B 86 -0.25 25.74 -15.60
CA LYS B 86 0.74 26.75 -15.93
C LYS B 86 2.15 26.49 -15.37
N LEU B 87 2.29 25.52 -14.47
CA LEU B 87 3.60 25.15 -13.95
C LEU B 87 4.48 24.48 -15.02
N LYS B 88 5.67 25.02 -15.25
CA LYS B 88 6.57 24.48 -16.26
C LYS B 88 7.10 23.12 -15.85
N LEU B 89 7.10 22.17 -16.79
CA LEU B 89 7.72 20.87 -16.52
C LEU B 89 9.20 20.90 -16.87
N GLU B 90 10.04 20.52 -15.92
N GLU B 90 10.04 20.51 -15.93
CA GLU B 90 11.47 20.48 -16.19
CA GLU B 90 11.49 20.52 -16.15
C GLU B 90 11.97 19.07 -16.37
C GLU B 90 12.00 19.10 -16.35
N GLN B 91 12.48 18.80 -17.57
CA GLN B 91 12.92 17.44 -17.93
C GLN B 91 14.37 17.27 -17.65
N ARG B 92 14.71 16.15 -17.01
N ARG B 92 14.72 16.12 -17.05
CA ARG B 92 16.11 15.84 -16.64
CA ARG B 92 16.09 15.83 -16.66
C ARG B 92 16.52 14.46 -17.10
C ARG B 92 16.53 14.44 -17.09
N LYS B 93 17.55 14.42 -17.92
CA LYS B 93 18.07 13.20 -18.51
C LYS B 93 18.59 12.24 -17.44
N LYS B 94 19.07 12.77 -16.32
CA LYS B 94 19.64 11.93 -15.25
C LYS B 94 18.57 11.27 -14.36
N LEU B 95 17.30 11.61 -14.62
CA LEU B 95 16.16 10.99 -13.97
C LEU B 95 15.61 9.81 -14.79
N ARG B 96 16.30 9.43 -15.87
CA ARG B 96 15.94 8.22 -16.64
C ARG B 96 15.97 6.96 -15.78
N GLU B 97 15.12 6.00 -16.15
CA GLU B 97 15.12 4.67 -15.58
C GLU B 97 16.49 4.01 -15.86
N LEU B 98 16.75 2.88 -15.19
CA LEU B 98 17.97 2.12 -15.48
C LEU B 98 18.14 1.87 -16.99
N ASN B 99 19.35 2.05 -17.52
CA ASN B 99 19.62 1.61 -18.88
C ASN B 99 19.76 0.09 -18.87
N PHE B 100 18.87 -0.60 -19.57
CA PHE B 100 18.92 -2.08 -19.62
C PHE B 100 19.88 -2.60 -20.68
N GLY B 101 20.53 -1.69 -21.40
CA GLY B 101 21.57 -2.08 -22.36
C GLY B 101 20.99 -2.91 -23.47
N ILE B 102 21.63 -4.03 -23.77
CA ILE B 102 21.17 -4.96 -24.79
C ILE B 102 19.73 -5.46 -24.55
N PHE B 103 19.25 -5.38 -23.32
CA PHE B 103 17.89 -5.90 -23.03
C PHE B 103 16.75 -4.97 -23.28
N GLU B 104 17.05 -3.72 -23.64
CA GLU B 104 15.98 -2.74 -23.89
C GLU B 104 14.97 -3.29 -24.91
N GLY B 105 13.69 -3.27 -24.54
CA GLY B 105 12.63 -3.76 -25.43
C GLY B 105 12.41 -5.26 -25.38
N GLU B 106 13.32 -6.01 -24.76
CA GLU B 106 13.20 -7.48 -24.68
C GLU B 106 12.10 -7.89 -23.70
N LYS B 107 11.45 -9.02 -23.94
CA LYS B 107 10.52 -9.58 -22.95
C LYS B 107 11.25 -9.73 -21.61
N LEU B 108 10.62 -9.26 -20.54
CA LEU B 108 11.20 -9.40 -19.20
C LEU B 108 11.58 -10.84 -18.82
N ASP B 109 10.75 -11.82 -19.15
N ASP B 109 10.72 -11.80 -19.14
CA ASP B 109 11.08 -13.22 -18.82
CA ASP B 109 11.01 -13.22 -18.87
C ASP B 109 12.31 -13.71 -19.57
C ASP B 109 12.34 -13.62 -19.53
N ASN B 110 12.50 -13.24 -20.81
CA ASN B 110 13.75 -13.51 -21.56
C ASN B 110 14.95 -12.80 -20.96
N TRP B 112 15.36 -11.89 -17.75
CA TRP B 112 15.71 -12.54 -16.48
C TRP B 112 16.33 -13.92 -16.70
N ASP B 113 15.85 -14.67 -17.70
CA ASP B 113 16.48 -15.97 -18.02
C ASP B 113 17.95 -15.76 -18.37
N ALA B 114 18.24 -14.74 -19.19
CA ALA B 114 19.62 -14.42 -19.57
C ALA B 114 20.45 -13.95 -18.37
N VAL B 115 19.85 -13.13 -17.51
CA VAL B 115 20.55 -12.62 -16.33
C VAL B 115 20.88 -13.78 -15.38
N GLY B 116 19.87 -14.60 -15.15
CA GLY B 116 20.01 -15.80 -14.31
C GLY B 116 21.08 -16.73 -14.84
N LYS B 117 21.06 -16.96 -16.14
CA LYS B 117 22.02 -17.89 -16.75
C LYS B 117 23.45 -17.37 -16.60
N ALA B 118 23.68 -16.11 -16.99
CA ALA B 118 25.00 -15.51 -16.81
C ALA B 118 25.46 -15.56 -15.35
N ALA B 119 24.54 -15.39 -14.41
CA ALA B 119 24.83 -15.43 -12.97
C ALA B 119 25.00 -16.86 -12.46
N GLY B 120 24.60 -17.83 -13.27
CA GLY B 120 24.66 -19.23 -12.87
C GLY B 120 23.71 -19.60 -11.73
N VAL B 121 22.53 -19.00 -11.71
CA VAL B 121 21.52 -19.39 -10.73
C VAL B 121 20.50 -20.35 -11.37
N THR B 122 20.06 -21.36 -10.61
CA THR B 122 19.03 -22.31 -11.06
C THR B 122 17.81 -21.63 -11.73
N SER B 123 16.94 -21.03 -10.93
CA SER B 123 15.79 -20.26 -11.44
C SER B 123 16.08 -18.78 -11.43
N PRO B 124 15.50 -18.03 -12.39
CA PRO B 124 15.47 -16.57 -12.26
C PRO B 124 14.69 -16.17 -11.01
N GLU B 125 13.77 -17.03 -10.58
CA GLU B 125 13.05 -16.86 -9.32
C GLU B 125 13.97 -16.70 -8.08
N GLU B 126 15.17 -17.27 -8.17
CA GLU B 126 16.19 -17.19 -7.11
C GLU B 126 16.83 -15.81 -7.02
N LEU B 127 16.83 -15.09 -8.14
CA LEU B 127 17.26 -13.70 -8.16
C LEU B 127 16.46 -12.84 -7.19
N LEU B 128 15.20 -13.21 -6.97
CA LEU B 128 14.29 -12.53 -6.03
C LEU B 128 14.86 -12.44 -4.61
N LYS B 129 15.80 -13.31 -4.27
CA LYS B 129 16.42 -13.29 -2.95
C LYS B 129 17.78 -12.56 -2.95
N PHE B 130 18.21 -12.09 -4.12
CA PHE B 130 19.43 -11.29 -4.18
C PHE B 130 19.11 -9.85 -3.81
N SER B 131 20.10 -9.09 -3.31
CA SER B 131 19.92 -7.65 -3.06
C SER B 131 19.63 -6.91 -4.36
N ILE B 132 18.83 -5.84 -4.32
CA ILE B 132 18.64 -5.03 -5.54
C ILE B 132 19.98 -4.58 -6.16
N GLN B 133 20.91 -4.19 -5.29
CA GLN B 133 22.28 -3.83 -5.71
C GLN B 133 22.91 -4.89 -6.60
N GLU B 134 22.94 -6.14 -6.13
N GLU B 134 22.92 -6.14 -6.12
CA GLU B 134 23.55 -7.22 -6.91
CA GLU B 134 23.48 -7.26 -6.87
C GLU B 134 22.69 -7.67 -8.11
C GLU B 134 22.70 -7.53 -8.14
N VAL B 135 21.37 -7.48 -8.04
CA VAL B 135 20.49 -7.74 -9.17
C VAL B 135 20.82 -6.78 -10.32
N ILE B 136 20.89 -5.48 -10.01
CA ILE B 136 21.22 -4.47 -11.03
C ILE B 136 22.66 -4.73 -11.55
N ASP B 137 23.59 -5.04 -10.64
CA ASP B 137 24.95 -5.45 -11.11
C ASP B 137 24.90 -6.63 -12.07
N LEU B 138 24.06 -7.63 -11.80
CA LEU B 138 23.92 -8.81 -12.67
C LEU B 138 23.31 -8.56 -14.07
N ILE B 139 22.48 -7.53 -14.18
CA ILE B 139 21.98 -7.11 -15.51
C ILE B 139 23.19 -6.67 -16.38
N ARG B 140 24.01 -5.78 -15.84
CA ARG B 140 25.19 -5.33 -16.58
C ARG B 140 26.15 -6.48 -16.87
N ALA B 141 26.37 -7.35 -15.87
CA ALA B 141 27.26 -8.52 -16.06
C ALA B 141 26.75 -9.40 -17.22
N ALA B 142 25.44 -9.50 -17.38
CA ALA B 142 24.83 -10.33 -18.43
C ALA B 142 24.80 -9.67 -19.81
N ASP B 143 25.04 -8.36 -19.88
CA ASP B 143 25.01 -7.63 -21.15
C ASP B 143 26.40 -7.66 -21.78
N PRO B 144 26.59 -8.49 -22.83
CA PRO B 144 27.94 -8.55 -23.40
C PRO B 144 28.42 -7.23 -24.02
N THR B 145 27.51 -6.28 -24.26
CA THR B 145 27.89 -4.99 -24.87
C THR B 145 28.20 -3.96 -23.78
N LYS B 146 27.92 -4.33 -22.52
CA LYS B 146 28.18 -3.48 -21.37
C LYS B 146 27.60 -2.06 -21.55
N GLN B 147 26.41 -2.01 -22.10
CA GLN B 147 25.66 -0.77 -22.22
C GLN B 147 24.76 -0.60 -21.03
N ALA B 148 24.35 -1.71 -20.41
CA ALA B 148 23.44 -1.66 -19.27
C ALA B 148 24.19 -1.01 -18.09
N GLU B 149 23.49 -0.20 -17.30
CA GLU B 149 24.11 0.36 -16.11
C GLU B 149 24.20 -0.67 -14.98
N ASP B 150 25.16 -0.47 -14.08
CA ASP B 150 25.21 -1.23 -12.83
C ASP B 150 24.74 -0.40 -11.63
N TRP B 151 24.78 -0.98 -10.43
CA TRP B 151 24.28 -0.30 -9.24
C TRP B 151 24.97 1.03 -9.06
N GLU B 152 26.30 1.03 -9.14
CA GLU B 152 27.07 2.25 -8.90
C GLU B 152 26.73 3.37 -9.88
N LEU B 153 26.73 3.07 -11.18
CA LEU B 153 26.36 4.06 -12.20
C LEU B 153 24.98 4.64 -11.95
N PHE B 154 24.02 3.75 -11.74
CA PHE B 154 22.62 4.12 -11.66
C PHE B 154 22.33 4.90 -10.40
N SER B 155 22.61 4.27 -9.26
CA SER B 155 22.40 4.92 -7.97
C SER B 155 23.08 6.30 -7.90
N THR B 156 24.32 6.40 -8.40
CA THR B 156 25.05 7.67 -8.38
C THR B 156 24.35 8.79 -9.11
N ARG B 157 23.92 8.50 -10.35
CA ARG B 157 23.34 9.58 -11.11
C ARG B 157 21.98 9.96 -10.52
N ILE B 158 21.24 8.95 -10.06
CA ILE B 158 19.92 9.14 -9.48
C ILE B 158 19.98 10.03 -8.26
N LYS B 159 20.91 9.72 -7.37
CA LYS B 159 21.10 10.50 -6.14
C LYS B 159 21.59 11.94 -6.41
N ALA B 160 22.50 12.13 -7.37
CA ALA B 160 22.98 13.49 -7.69
C ALA B 160 21.84 14.39 -8.14
N GLU B 161 20.93 13.83 -8.94
CA GLU B 161 19.86 14.62 -9.52
C GLU B 161 18.77 14.95 -8.48
N ILE B 162 18.47 13.95 -7.63
CA ILE B 162 17.52 14.14 -6.52
C ILE B 162 18.08 15.18 -5.51
N ASP B 163 19.40 15.14 -5.29
CA ASP B 163 20.04 16.11 -4.43
C ASP B 163 19.99 17.52 -5.04
N LYS B 164 20.24 17.62 -6.34
CA LYS B 164 20.17 18.92 -7.01
C LYS B 164 18.75 19.49 -6.87
N ILE B 165 17.75 18.69 -7.20
CA ILE B 165 16.36 19.14 -7.08
C ILE B 165 16.04 19.62 -5.68
N SER B 166 16.42 18.84 -4.68
CA SER B 166 16.01 19.08 -3.30
C SER B 166 16.66 20.33 -2.70
N GLU B 167 17.94 20.49 -2.99
CA GLU B 167 18.73 21.64 -2.57
C GLU B 167 18.20 22.93 -3.18
N GLU B 168 17.92 22.91 -4.49
CA GLU B 168 17.36 24.06 -5.17
C GLU B 168 15.95 24.43 -4.70
N ALA B 169 15.10 23.43 -4.42
CA ALA B 169 13.79 23.69 -3.82
C ALA B 169 13.94 24.35 -2.44
N ALA B 170 14.94 23.90 -1.68
CA ALA B 170 15.23 24.46 -0.37
C ALA B 170 15.64 25.93 -0.54
N LYS B 171 16.63 26.17 -1.41
CA LYS B 171 17.07 27.53 -1.75
C LYS B 171 15.91 28.43 -2.17
N ASP B 172 14.99 27.90 -2.96
CA ASP B 172 13.83 28.65 -3.43
C ASP B 172 12.78 28.88 -2.35
N GLY B 173 12.99 28.30 -1.16
CA GLY B 173 12.07 28.52 -0.04
C GLY B 173 11.31 27.30 0.49
N GLY B 174 11.48 26.16 -0.18
CA GLY B 174 10.84 24.89 0.22
C GLY B 174 9.44 24.80 -0.34
N GLY B 175 8.78 23.68 -0.12
CA GLY B 175 7.42 23.45 -0.65
C GLY B 175 7.34 22.11 -1.36
N ASN B 176 6.22 21.83 -2.01
CA ASN B 176 6.06 20.54 -2.70
C ASN B 176 6.68 20.49 -4.10
N VAL B 177 7.27 19.33 -4.45
CA VAL B 177 7.91 19.13 -5.75
C VAL B 177 7.42 17.82 -6.37
N LEU B 178 6.88 17.93 -7.59
CA LEU B 178 6.44 16.76 -8.33
C LEU B 178 7.64 16.21 -9.05
N VAL B 179 7.89 14.90 -8.92
CA VAL B 179 8.99 14.25 -9.66
C VAL B 179 8.46 12.97 -10.31
N VAL B 180 8.22 13.02 -11.63
CA VAL B 180 7.63 11.89 -12.35
C VAL B 180 8.73 11.04 -12.98
N VAL B 181 8.94 9.85 -12.42
CA VAL B 181 10.07 9.00 -12.81
C VAL B 181 9.60 7.53 -12.92
N HIS B 182 10.44 6.59 -12.50
CA HIS B 182 10.42 5.20 -12.98
C HIS B 182 10.61 4.18 -11.85
N GLY B 183 10.20 2.93 -12.09
CA GLY B 183 10.13 1.88 -11.04
C GLY B 183 11.43 1.54 -10.36
N LEU B 184 12.44 1.13 -11.12
CA LEU B 184 13.72 0.83 -10.50
C LEU B 184 14.41 2.02 -9.89
N LEU B 185 14.31 3.19 -10.53
CA LEU B 185 14.81 4.42 -9.90
C LEU B 185 14.16 4.62 -8.53
N ILE B 186 12.85 4.48 -8.44
CA ILE B 186 12.19 4.66 -7.16
C ILE B 186 12.69 3.62 -6.12
N THR B 187 12.79 2.35 -6.53
CA THR B 187 13.30 1.29 -5.63
C THR B 187 14.70 1.66 -5.11
N THR B 188 15.55 2.09 -6.05
CA THR B 188 16.94 2.45 -5.76
C THR B 188 17.00 3.67 -4.80
N LEU B 189 16.20 4.70 -5.08
CA LEU B 189 16.20 5.90 -4.23
C LEU B 189 15.79 5.54 -2.79
N ILE B 190 14.69 4.78 -2.63
CA ILE B 190 14.29 4.33 -1.27
C ILE B 190 15.43 3.52 -0.60
N GLU B 191 16.06 2.65 -1.36
CA GLU B 191 17.13 1.81 -0.81
C GLU B 191 18.24 2.68 -0.21
N LEU B 193 17.96 5.89 0.80
CA LEU B 193 17.48 6.78 1.84
C LEU B 193 17.02 6.06 3.12
N ASP B 194 16.29 4.95 2.96
CA ASP B 194 15.77 4.18 4.11
C ASP B 194 15.50 2.76 3.63
N SER B 195 16.53 1.91 3.73
CA SER B 195 16.45 0.56 3.18
C SER B 195 15.44 -0.33 3.91
N SER B 196 14.94 0.11 5.07
CA SER B 196 13.93 -0.67 5.76
C SER B 196 12.60 -0.62 4.99
N LYS B 197 12.48 0.34 4.07
CA LYS B 197 11.20 0.62 3.39
C LYS B 197 11.23 0.28 1.91
N THR B 198 12.37 -0.23 1.43
CA THR B 198 12.51 -0.56 0.02
C THR B 198 11.40 -1.48 -0.49
N LYS B 199 10.87 -1.16 -1.68
N LYS B 199 10.89 -1.15 -1.67
CA LYS B 199 9.84 -1.95 -2.30
CA LYS B 199 9.90 -1.98 -2.31
C LYS B 199 10.22 -2.11 -3.78
C LYS B 199 10.26 -2.11 -3.78
N LEU B 200 10.27 -3.34 -4.27
CA LEU B 200 10.44 -3.61 -5.68
C LEU B 200 9.05 -3.63 -6.29
N GLY B 201 8.93 -3.04 -7.46
CA GLY B 201 7.67 -3.08 -8.18
C GLY B 201 6.67 -2.04 -7.71
N VAL B 202 7.09 -0.81 -7.41
CA VAL B 202 6.04 0.19 -7.10
C VAL B 202 5.13 0.33 -8.34
N GLU B 203 3.85 0.59 -8.06
CA GLU B 203 2.86 0.52 -9.08
C GLU B 203 2.92 1.76 -9.94
N ASN B 204 2.48 1.64 -11.20
CA ASN B 204 2.30 2.82 -12.05
C ASN B 204 1.35 3.82 -11.37
N ALA B 205 1.69 5.11 -11.45
CA ALA B 205 0.93 6.22 -10.87
C ALA B 205 0.97 6.22 -9.35
N SER B 206 1.93 5.49 -8.74
CA SER B 206 2.06 5.53 -7.28
C SER B 206 2.94 6.70 -6.85
N VAL B 207 2.76 7.13 -5.60
CA VAL B 207 3.47 8.25 -5.07
C VAL B 207 4.29 7.76 -3.89
N THR B 208 5.58 8.07 -3.94
CA THR B 208 6.48 7.80 -2.83
C THR B 208 6.85 9.18 -2.28
N LYS B 209 6.29 9.50 -1.11
CA LYS B 209 6.43 10.82 -0.49
C LYS B 209 7.68 10.86 0.37
N ILE B 210 8.60 11.77 0.02
CA ILE B 210 9.88 11.88 0.67
C ILE B 210 10.12 13.33 1.12
N VAL B 211 10.45 13.49 2.40
CA VAL B 211 10.69 14.81 2.95
C VAL B 211 12.19 15.11 3.10
N TYR B 212 12.58 16.31 2.67
CA TYR B 212 13.98 16.72 2.70
C TYR B 212 14.12 18.02 3.47
N GLN B 213 15.11 18.04 4.37
CA GLN B 213 15.43 19.22 5.18
C GLN B 213 16.90 19.19 5.59
N ASP B 214 17.63 20.25 5.23
CA ASP B 214 19.01 20.47 5.66
C ASP B 214 19.93 19.30 5.30
N GLY B 215 19.70 18.70 4.14
CA GLY B 215 20.52 17.58 3.71
C GLY B 215 20.04 16.24 4.22
N ILE B 216 18.97 16.23 5.01
CA ILE B 216 18.43 14.98 5.57
C ILE B 216 17.12 14.55 4.91
N TYR B 217 17.06 13.30 4.44
CA TYR B 217 15.86 12.74 3.82
C TYR B 217 15.06 11.81 4.74
N THR B 218 13.74 11.90 4.69
CA THR B 218 12.83 11.01 5.41
C THR B 218 11.84 10.37 4.42
N VAL B 219 11.74 9.05 4.38
CA VAL B 219 10.76 8.38 3.50
C VAL B 219 9.44 8.25 4.26
N GLU B 220 8.43 9.01 3.85
CA GLU B 220 7.15 9.05 4.56
C GLU B 220 6.16 7.97 4.07
N SER B 221 6.17 7.67 2.77
CA SER B 221 5.28 6.68 2.18
C SER B 221 5.96 6.11 0.95
N VAL B 222 5.61 4.88 0.58
CA VAL B 222 6.18 4.20 -0.59
C VAL B 222 5.09 3.57 -1.45
N GLY B 223 5.08 3.94 -2.73
CA GLY B 223 4.18 3.32 -3.68
C GLY B 223 2.71 3.52 -3.32
N ASP B 224 2.37 4.70 -2.81
CA ASP B 224 1.01 4.95 -2.32
C ASP B 224 0.07 5.16 -3.52
N SER B 226 -3.26 5.83 -3.07
CA SER B 226 -4.49 6.41 -2.53
C SER B 226 -4.85 7.73 -3.23
N TYR B 227 -3.86 8.37 -3.86
CA TYR B 227 -4.11 9.63 -4.61
C TYR B 227 -4.99 9.30 -5.80
N VAL B 228 -4.66 8.21 -6.48
CA VAL B 228 -5.51 7.69 -7.56
C VAL B 228 -6.92 7.36 -7.03
N ALA B 229 -7.00 6.63 -5.93
CA ALA B 229 -8.31 6.21 -5.39
C ALA B 229 -9.20 7.42 -5.11
N LYS B 230 -8.58 8.46 -4.56
CA LYS B 230 -9.32 9.64 -4.18
C LYS B 230 -9.71 10.43 -5.42
N GLY B 231 -8.76 10.56 -6.35
CA GLY B 231 -9.01 11.23 -7.60
C GLY B 231 -10.20 10.69 -8.36
N LYS B 232 -10.37 9.36 -8.36
CA LYS B 232 -11.48 8.70 -9.07
C LYS B 232 -12.81 9.21 -8.65
N GLU B 233 -12.93 9.60 -7.38
CA GLU B 233 -14.24 10.05 -6.92
C GLU B 233 -14.39 11.54 -6.69
N SER B 234 -13.35 12.31 -6.94
CA SER B 234 -13.43 13.78 -6.81
C SER B 234 -13.90 14.46 -8.11
N VAL B 235 -14.82 15.42 -7.97
CA VAL B 235 -15.50 16.11 -9.09
C VAL B 235 -15.08 15.72 -10.49
#